data_1LJY
#
_entry.id   1LJY
#
_cell.length_a   62.950
_cell.length_b   65.890
_cell.length_c   107.030
_cell.angle_alpha   90.00
_cell.angle_beta   90.00
_cell.angle_gamma   90.00
#
_symmetry.space_group_name_H-M   'P 21 21 21'
#
loop_
_entity.id
_entity.type
_entity.pdbx_description
1 polymer MGP-40
2 branched 2-acetamido-2-deoxy-alpha-D-glucopyranose-(1-4)-2-acetamido-2-deoxy-beta-D-glucopyranose
3 water water
#
_entity_poly.entity_id   1
_entity_poly.type   'polypeptide(L)'
_entity_poly.pdbx_seq_one_letter_code
;YKLICYYTSWSQYREGDGSCFPDAIDPFLCTHVIYSFANISNNEIDTWEWNDVTLYDTLNTLKNRNPKLKTLLSVGGWNF
GPERFSAIASKTQSRRTFIKSVPPFLRTHGFDGLDLAWLYPGRRDKRHLTALVKEMKAEFAREAQAGTERLLLSAAVSAG
KIAIDRGYDIAQISRHLDFISLLTYDFHGAWRQTVGHHSPLFRGNSDGSSRFSNADYAVSYMLRLGAPANKLVMGIPTFG
RSFTLASSKTDGGAPISGPGIPGRFTKEKGILAYYEICDFLHGATTHRFRDQQVPYATKGNQWVAYDDQESVKNKARYLK
NRQLAGAMVWALDLDDFRGTFCGQNLTFPLTSAVKDVLAEV
;
_entity_poly.pdbx_strand_id   A
#
loop_
_chem_comp.id
_chem_comp.type
_chem_comp.name
_chem_comp.formula
NAG D-saccharide, beta linking 2-acetamido-2-deoxy-beta-D-glucopyranose 'C8 H15 N O6'
NDG D-saccharide, alpha linking 2-acetamido-2-deoxy-alpha-D-glucopyranose 'C8 H15 N O6'
#
# COMPACT_ATOMS: atom_id res chain seq x y z
N TYR A 1 13.34 -12.38 1.66
CA TYR A 1 12.63 -11.10 1.37
C TYR A 1 11.13 -11.29 1.46
N LYS A 2 10.47 -10.34 2.11
CA LYS A 2 9.03 -10.34 2.29
C LYS A 2 8.37 -9.64 1.12
N LEU A 3 7.19 -10.10 0.75
CA LEU A 3 6.44 -9.47 -0.32
C LEU A 3 5.01 -9.31 0.20
N ILE A 4 4.74 -8.16 0.81
CA ILE A 4 3.43 -7.88 1.35
C ILE A 4 2.49 -7.35 0.26
N CYS A 5 1.45 -8.13 -0.04
CA CYS A 5 0.49 -7.74 -1.07
C CYS A 5 -0.90 -7.47 -0.54
N TYR A 6 -1.37 -6.25 -0.70
CA TYR A 6 -2.70 -5.89 -0.25
C TYR A 6 -3.75 -6.36 -1.25
N TYR A 7 -4.90 -6.75 -0.72
CA TYR A 7 -6.03 -7.16 -1.54
C TYR A 7 -7.14 -6.27 -1.00
N THR A 8 -7.82 -5.51 -1.87
CA THR A 8 -8.88 -4.65 -1.38
C THR A 8 -10.29 -5.26 -1.43
N SER A 9 -10.99 -5.08 -0.32
CA SER A 9 -12.34 -5.58 -0.12
C SER A 9 -13.35 -5.21 -1.20
N TRP A 10 -13.40 -3.95 -1.58
CA TRP A 10 -14.36 -3.47 -2.57
C TRP A 10 -14.03 -3.78 -4.04
N SER A 11 -12.99 -4.55 -4.31
CA SER A 11 -12.66 -4.83 -5.72
C SER A 11 -13.57 -5.91 -6.31
N GLN A 12 -14.43 -6.48 -5.49
CA GLN A 12 -15.35 -7.53 -5.93
C GLN A 12 -16.49 -6.93 -6.75
N TYR A 13 -16.80 -5.67 -6.49
CA TYR A 13 -17.88 -4.97 -7.16
C TYR A 13 -17.56 -4.48 -8.57
N ARG A 14 -16.29 -4.51 -8.97
CA ARG A 14 -15.89 -4.06 -10.30
C ARG A 14 -16.60 -4.90 -11.36
N GLU A 15 -17.15 -4.25 -12.39
CA GLU A 15 -17.87 -4.98 -13.44
C GLU A 15 -16.98 -5.86 -14.32
N GLY A 16 -17.59 -6.89 -14.90
CA GLY A 16 -16.88 -7.81 -15.77
C GLY A 16 -15.58 -8.35 -15.22
N ASP A 17 -14.55 -8.32 -16.05
CA ASP A 17 -13.22 -8.80 -15.68
C ASP A 17 -12.67 -8.06 -14.47
N GLY A 18 -13.09 -6.81 -14.31
CA GLY A 18 -12.60 -6.03 -13.19
C GLY A 18 -12.77 -6.70 -11.85
N SER A 19 -13.88 -7.40 -11.69
CA SER A 19 -14.18 -8.08 -10.43
C SER A 19 -13.07 -9.03 -10.04
N CYS A 20 -12.59 -8.88 -8.81
CA CYS A 20 -11.52 -9.71 -8.29
C CYS A 20 -11.82 -10.24 -6.90
N PHE A 21 -11.69 -11.55 -6.72
CA PHE A 21 -11.90 -12.19 -5.42
C PHE A 21 -10.61 -12.87 -4.99
N PRO A 22 -10.43 -13.11 -3.67
CA PRO A 22 -9.24 -13.75 -3.10
C PRO A 22 -8.92 -14.95 -3.96
N ASP A 23 -9.99 -15.52 -4.44
CA ASP A 23 -10.02 -16.67 -5.34
C ASP A 23 -8.90 -16.59 -6.39
N ALA A 24 -8.82 -15.44 -7.07
CA ALA A 24 -7.85 -15.24 -8.15
C ALA A 24 -6.40 -14.97 -7.74
N ILE A 25 -6.09 -15.13 -6.47
CA ILE A 25 -4.74 -14.87 -5.99
C ILE A 25 -3.78 -16.07 -6.03
N ASP A 26 -2.60 -15.89 -6.60
CA ASP A 26 -1.62 -16.96 -6.64
C ASP A 26 -1.10 -17.15 -5.22
N PRO A 27 -1.40 -18.30 -4.61
CA PRO A 27 -0.98 -18.63 -3.25
C PRO A 27 0.51 -18.54 -3.01
N PHE A 28 1.29 -18.72 -4.06
CA PHE A 28 2.74 -18.70 -3.91
C PHE A 28 3.38 -17.37 -4.29
N LEU A 29 2.58 -16.49 -4.84
CA LEU A 29 3.04 -15.17 -5.27
C LEU A 29 3.68 -14.33 -4.17
N CYS A 30 2.91 -13.96 -3.17
CA CYS A 30 3.43 -13.13 -2.07
C CYS A 30 3.74 -13.97 -0.88
N THR A 31 4.28 -13.35 0.16
CA THR A 31 4.61 -14.04 1.39
C THR A 31 3.56 -13.67 2.41
N HIS A 32 2.96 -12.49 2.21
CA HIS A 32 1.92 -11.96 3.10
C HIS A 32 0.84 -11.25 2.30
N VAL A 33 -0.42 -11.59 2.56
CA VAL A 33 -1.50 -10.91 1.88
C VAL A 33 -2.27 -10.19 2.98
N ILE A 34 -2.54 -8.91 2.78
CA ILE A 34 -3.29 -8.14 3.76
C ILE A 34 -4.67 -7.87 3.22
N TYR A 35 -5.70 -8.24 3.97
CA TYR A 35 -7.08 -8.00 3.54
C TYR A 35 -7.36 -6.54 3.88
N SER A 36 -7.75 -5.78 2.88
CA SER A 36 -7.97 -4.37 3.08
C SER A 36 -9.25 -3.83 3.66
N PHE A 37 -9.02 -3.35 4.86
CA PHE A 37 -9.94 -2.67 5.74
C PHE A 37 -11.15 -3.31 6.38
N ALA A 38 -11.00 -3.33 7.70
CA ALA A 38 -11.96 -3.83 8.68
C ALA A 38 -12.37 -2.49 9.33
N ASN A 39 -13.52 -2.44 10.05
CA ASN A 39 -13.99 -1.21 10.70
C ASN A 39 -13.67 -1.43 12.20
N ILE A 40 -14.20 -0.53 13.00
CA ILE A 40 -14.07 -0.51 14.45
C ILE A 40 -15.54 -0.03 14.80
N SER A 41 -16.32 -0.88 15.52
CA SER A 41 -17.71 -0.62 15.99
C SER A 41 -17.77 -0.88 17.51
N ASN A 42 -18.25 0.08 18.30
CA ASN A 42 -18.28 -0.08 19.76
C ASN A 42 -16.85 -0.31 20.22
N ASN A 43 -15.94 0.45 19.62
CA ASN A 43 -14.51 0.36 19.93
C ASN A 43 -13.96 -1.07 19.82
N GLU A 44 -14.58 -1.86 18.97
CA GLU A 44 -14.17 -3.25 18.76
C GLU A 44 -13.99 -3.49 17.27
N ILE A 45 -12.95 -4.23 16.92
CA ILE A 45 -12.71 -4.51 15.52
C ILE A 45 -13.95 -5.17 14.96
N ASP A 46 -14.26 -4.90 13.70
CA ASP A 46 -15.45 -5.48 13.10
C ASP A 46 -15.33 -5.49 11.59
N THR A 47 -16.27 -6.17 10.94
CA THR A 47 -16.27 -6.26 9.48
C THR A 47 -16.66 -4.96 8.81
N TRP A 48 -16.61 -4.95 7.49
CA TRP A 48 -16.94 -3.77 6.73
C TRP A 48 -17.97 -4.16 5.66
N GLU A 49 -17.58 -5.07 4.78
CA GLU A 49 -18.47 -5.54 3.74
C GLU A 49 -19.34 -6.64 4.35
N TRP A 50 -20.55 -6.80 3.81
CA TRP A 50 -21.48 -7.81 4.31
C TRP A 50 -20.93 -9.23 4.24
N ASN A 51 -20.33 -9.58 3.10
CA ASN A 51 -19.78 -10.92 2.92
C ASN A 51 -18.30 -11.05 3.30
N ASP A 52 -17.81 -10.15 4.15
CA ASP A 52 -16.41 -10.22 4.58
C ASP A 52 -16.13 -11.59 5.18
N VAL A 53 -17.07 -12.10 5.98
CA VAL A 53 -16.88 -13.40 6.61
C VAL A 53 -16.58 -14.44 5.55
N THR A 54 -17.31 -14.39 4.44
CA THR A 54 -17.10 -15.33 3.34
C THR A 54 -15.75 -15.11 2.70
N LEU A 55 -15.46 -13.85 2.33
CA LEU A 55 -14.19 -13.54 1.69
C LEU A 55 -12.98 -13.82 2.58
N TYR A 56 -13.11 -13.54 3.88
CA TYR A 56 -12.04 -13.80 4.85
C TYR A 56 -11.65 -15.27 4.69
N ASP A 57 -12.70 -16.08 4.55
CA ASP A 57 -12.59 -17.52 4.41
C ASP A 57 -11.99 -17.89 3.05
N THR A 58 -12.51 -17.29 1.98
CA THR A 58 -12.01 -17.55 0.63
C THR A 58 -10.50 -17.34 0.62
N LEU A 59 -10.07 -16.20 1.18
CA LEU A 59 -8.68 -15.82 1.24
C LEU A 59 -7.81 -16.70 2.14
N ASN A 60 -8.30 -17.02 3.33
CA ASN A 60 -7.54 -17.84 4.26
C ASN A 60 -7.38 -19.32 3.83
N THR A 61 -8.08 -19.80 2.75
CA THR A 61 -7.92 -21.20 2.26
C THR A 61 -6.62 -21.27 1.47
N LEU A 62 -6.22 -20.16 0.87
CA LEU A 62 -5.00 -20.14 0.06
C LEU A 62 -3.85 -20.74 0.85
N LYS A 63 -3.98 -20.70 2.17
CA LYS A 63 -2.96 -21.24 3.07
C LYS A 63 -2.94 -22.75 3.09
N ASN A 64 -3.99 -23.37 2.53
CA ASN A 64 -4.06 -24.83 2.46
C ASN A 64 -3.10 -25.28 1.38
N ARG A 65 -3.00 -24.46 0.34
CA ARG A 65 -2.11 -24.76 -0.77
C ARG A 65 -0.70 -24.32 -0.46
N ASN A 66 -0.56 -23.28 0.35
CA ASN A 66 0.77 -22.80 0.73
C ASN A 66 0.81 -22.56 2.22
N PRO A 67 1.22 -23.60 2.97
CA PRO A 67 1.34 -23.61 4.43
C PRO A 67 2.03 -22.37 5.00
N LYS A 68 3.02 -21.86 4.27
CA LYS A 68 3.78 -20.70 4.76
C LYS A 68 3.15 -19.32 4.52
N LEU A 69 2.21 -19.25 3.61
CA LEU A 69 1.55 -17.99 3.32
C LEU A 69 0.95 -17.43 4.61
N LYS A 70 1.22 -16.18 4.91
CA LYS A 70 0.65 -15.56 6.11
C LYS A 70 -0.27 -14.43 5.71
N THR A 71 -1.38 -14.29 6.43
CA THR A 71 -2.35 -13.25 6.10
C THR A 71 -2.59 -12.28 7.24
N LEU A 72 -2.95 -11.04 6.89
CA LEU A 72 -3.24 -10.05 7.92
C LEU A 72 -4.44 -9.25 7.52
N LEU A 73 -5.12 -8.72 8.52
CA LEU A 73 -6.30 -7.89 8.30
C LEU A 73 -5.82 -6.48 8.63
N SER A 74 -6.25 -5.50 7.84
CA SER A 74 -5.83 -4.12 8.08
C SER A 74 -6.97 -3.25 8.58
N VAL A 75 -6.74 -2.50 9.67
CA VAL A 75 -7.78 -1.62 10.23
C VAL A 75 -7.54 -0.19 9.77
N GLY A 76 -8.63 0.53 9.51
CA GLY A 76 -8.49 1.90 9.08
C GLY A 76 -8.81 2.05 7.62
N GLY A 77 -7.93 2.73 6.90
CA GLY A 77 -8.17 2.94 5.49
C GLY A 77 -8.45 4.40 5.25
N TRP A 78 -8.70 4.78 4.00
CA TRP A 78 -8.97 6.15 3.65
C TRP A 78 -10.40 6.56 3.95
N ASN A 79 -11.30 5.61 3.80
CA ASN A 79 -12.71 5.85 4.05
C ASN A 79 -13.01 5.70 5.53
N PHE A 80 -11.95 5.71 6.33
CA PHE A 80 -12.05 5.60 7.78
C PHE A 80 -11.44 6.91 8.29
N GLY A 81 -12.28 7.77 8.86
CA GLY A 81 -11.79 9.06 9.34
C GLY A 81 -10.73 9.04 10.43
N PRO A 82 -9.55 9.64 10.19
CA PRO A 82 -8.50 9.64 11.22
C PRO A 82 -9.04 10.19 12.53
N GLU A 83 -10.09 11.00 12.45
CA GLU A 83 -10.70 11.57 13.63
C GLU A 83 -11.17 10.44 14.52
N ARG A 84 -11.98 9.54 13.96
CA ARG A 84 -12.50 8.41 14.72
C ARG A 84 -11.37 7.54 15.24
N PHE A 85 -10.31 7.39 14.45
CA PHE A 85 -9.20 6.58 14.90
C PHE A 85 -8.63 7.31 16.10
N SER A 86 -8.37 8.59 15.88
CA SER A 86 -7.82 9.49 16.90
C SER A 86 -8.60 9.43 18.21
N ALA A 87 -9.92 9.36 18.12
CA ALA A 87 -10.76 9.32 19.32
C ALA A 87 -10.65 8.00 20.07
N ILE A 88 -10.34 6.92 19.36
CA ILE A 88 -10.21 5.61 19.97
C ILE A 88 -8.87 5.53 20.69
N ALA A 89 -7.86 6.19 20.12
CA ALA A 89 -6.52 6.15 20.68
C ALA A 89 -6.23 7.12 21.83
N SER A 90 -7.05 8.15 22.01
CA SER A 90 -6.86 9.13 23.07
C SER A 90 -7.35 8.66 24.44
N LYS A 91 -8.54 8.06 24.47
CA LYS A 91 -9.12 7.56 25.71
C LYS A 91 -8.55 6.18 26.00
N THR A 92 -7.75 6.06 27.05
CA THR A 92 -7.16 4.77 27.40
C THR A 92 -8.24 3.69 27.52
N GLN A 93 -9.46 4.12 27.82
CA GLN A 93 -10.60 3.23 27.95
C GLN A 93 -11.00 2.62 26.60
N SER A 94 -11.16 3.48 25.60
CA SER A 94 -11.54 3.04 24.26
C SER A 94 -10.44 2.20 23.65
N ARG A 95 -9.20 2.65 23.87
CA ARG A 95 -8.03 1.96 23.33
C ARG A 95 -7.95 0.51 23.83
N ARG A 96 -8.02 0.34 25.15
CA ARG A 96 -7.94 -0.99 25.74
C ARG A 96 -9.06 -1.91 25.22
N THR A 97 -10.28 -1.39 25.13
CA THR A 97 -11.41 -2.20 24.63
C THR A 97 -11.10 -2.69 23.22
N PHE A 98 -10.71 -1.78 22.35
CA PHE A 98 -10.38 -2.10 20.97
C PHE A 98 -9.30 -3.16 20.92
N ILE A 99 -8.22 -2.93 21.65
CA ILE A 99 -7.12 -3.88 21.68
C ILE A 99 -7.59 -5.28 22.06
N LYS A 100 -8.20 -5.38 23.23
CA LYS A 100 -8.70 -6.66 23.73
C LYS A 100 -9.60 -7.40 22.74
N SER A 101 -10.28 -6.66 21.86
CA SER A 101 -11.19 -7.28 20.89
C SER A 101 -10.55 -7.91 19.66
N VAL A 102 -9.34 -7.48 19.33
CA VAL A 102 -8.62 -7.99 18.16
C VAL A 102 -8.23 -9.47 18.09
N PRO A 103 -7.39 -9.95 19.04
CA PRO A 103 -6.97 -11.36 19.00
C PRO A 103 -8.10 -12.36 18.69
N PRO A 104 -9.19 -12.33 19.47
CA PRO A 104 -10.30 -13.25 19.24
C PRO A 104 -10.78 -13.16 17.80
N PHE A 105 -11.05 -11.94 17.35
CA PHE A 105 -11.55 -11.71 16.00
C PHE A 105 -10.61 -12.36 14.99
N LEU A 106 -9.35 -11.99 15.09
CA LEU A 106 -8.34 -12.52 14.20
C LEU A 106 -8.28 -14.05 14.27
N ARG A 107 -8.26 -14.59 15.49
CA ARG A 107 -8.19 -16.03 15.65
C ARG A 107 -9.39 -16.69 14.99
N THR A 108 -10.58 -16.17 15.27
CA THR A 108 -11.82 -16.73 14.71
C THR A 108 -11.83 -16.88 13.19
N HIS A 109 -11.27 -15.93 12.46
CA HIS A 109 -11.29 -15.98 11.01
C HIS A 109 -10.07 -16.58 10.33
N GLY A 110 -9.01 -16.70 11.10
CA GLY A 110 -7.79 -17.29 10.60
C GLY A 110 -6.68 -16.36 10.14
N PHE A 111 -6.66 -15.13 10.64
CA PHE A 111 -5.63 -14.18 10.26
C PHE A 111 -4.44 -14.37 11.17
N ASP A 112 -3.24 -14.23 10.62
CA ASP A 112 -2.03 -14.40 11.40
C ASP A 112 -1.54 -13.08 11.97
N GLY A 113 -2.29 -12.00 11.72
CA GLY A 113 -1.90 -10.70 12.22
C GLY A 113 -2.75 -9.50 11.83
N LEU A 114 -2.51 -8.39 12.52
CA LEU A 114 -3.24 -7.13 12.29
C LEU A 114 -2.32 -6.08 11.67
N ASP A 115 -2.89 -5.27 10.78
CA ASP A 115 -2.11 -4.22 10.13
C ASP A 115 -2.81 -2.89 10.35
N LEU A 116 -2.13 -1.98 11.05
CA LEU A 116 -2.67 -0.66 11.37
C LEU A 116 -2.58 0.31 10.21
N ALA A 117 -3.72 0.65 9.62
CA ALA A 117 -3.72 1.60 8.52
C ALA A 117 -4.33 2.95 8.91
N TRP A 118 -3.96 3.45 10.09
CA TRP A 118 -4.43 4.76 10.57
C TRP A 118 -3.94 5.74 9.54
N LEU A 119 -4.79 6.13 8.61
CA LEU A 119 -4.28 7.02 7.58
C LEU A 119 -4.03 8.44 7.95
N TYR A 120 -2.76 8.59 8.36
CA TYR A 120 -2.13 9.81 8.77
C TYR A 120 -2.59 10.43 10.06
N PRO A 121 -1.86 10.15 11.13
CA PRO A 121 -2.18 10.70 12.46
C PRO A 121 -1.60 12.11 12.43
N GLY A 122 -2.21 13.03 13.17
CA GLY A 122 -1.70 14.40 13.18
C GLY A 122 -0.71 14.67 14.30
N ARG A 123 -0.25 15.90 14.39
CA ARG A 123 0.71 16.28 15.43
C ARG A 123 0.21 15.89 16.84
N ARG A 124 -1.08 15.98 17.10
CA ARG A 124 -1.64 15.61 18.42
C ARG A 124 -1.95 14.11 18.67
N ASP A 125 -1.55 13.30 17.69
CA ASP A 125 -1.84 11.90 17.66
C ASP A 125 -0.57 10.96 18.00
N LYS A 126 0.62 11.45 17.61
CA LYS A 126 1.95 10.85 17.82
C LYS A 126 2.06 10.10 19.12
N ARG A 127 1.82 10.83 20.20
CA ARG A 127 1.88 10.26 21.54
C ARG A 127 0.98 9.02 21.70
N HIS A 128 -0.27 9.14 21.24
CA HIS A 128 -1.21 8.04 21.36
C HIS A 128 -0.95 6.88 20.41
N LEU A 129 -0.53 7.19 19.18
CA LEU A 129 -0.24 6.15 18.21
C LEU A 129 0.77 5.22 18.87
N THR A 130 1.80 5.82 19.46
CA THR A 130 2.83 5.04 20.15
C THR A 130 2.19 4.16 21.22
N ALA A 131 1.27 4.72 21.99
CA ALA A 131 0.60 3.97 23.04
C ALA A 131 -0.11 2.76 22.42
N LEU A 132 -0.84 3.03 21.34
CA LEU A 132 -1.60 2.01 20.63
C LEU A 132 -0.76 0.80 20.24
N VAL A 133 0.34 1.06 19.55
CA VAL A 133 1.22 -0.02 19.13
C VAL A 133 1.82 -0.81 20.31
N LYS A 134 2.29 -0.09 21.32
CA LYS A 134 2.89 -0.71 22.49
C LYS A 134 1.96 -1.75 23.09
N GLU A 135 0.79 -1.27 23.50
CA GLU A 135 -0.21 -2.11 24.12
C GLU A 135 -0.68 -3.22 23.19
N MET A 136 -0.86 -2.90 21.91
CA MET A 136 -1.27 -3.91 20.96
C MET A 136 -0.31 -5.10 21.01
N LYS A 137 0.98 -4.81 20.81
CA LYS A 137 2.01 -5.83 20.82
C LYS A 137 2.01 -6.55 22.16
N ALA A 138 1.82 -5.79 23.23
CA ALA A 138 1.78 -6.36 24.58
C ALA A 138 0.65 -7.37 24.67
N GLU A 139 -0.52 -7.04 24.14
CA GLU A 139 -1.65 -7.95 24.17
C GLU A 139 -1.35 -9.20 23.37
N PHE A 140 -0.76 -9.03 22.18
CA PHE A 140 -0.42 -10.15 21.31
C PHE A 140 0.59 -11.08 21.99
N ALA A 141 1.54 -10.50 22.71
CA ALA A 141 2.55 -11.30 23.40
C ALA A 141 1.86 -12.13 24.48
N ARG A 142 0.90 -11.52 25.17
CA ARG A 142 0.18 -12.21 26.23
C ARG A 142 -0.66 -13.34 25.67
N GLU A 143 -1.41 -13.06 24.61
CA GLU A 143 -2.25 -14.08 24.00
C GLU A 143 -1.44 -15.26 23.49
N ALA A 144 -0.19 -15.01 23.07
CA ALA A 144 0.65 -16.09 22.57
C ALA A 144 1.02 -17.08 23.68
N GLN A 145 0.89 -16.64 24.93
CA GLN A 145 1.20 -17.50 26.09
C GLN A 145 0.31 -18.74 26.07
N ALA A 146 -0.86 -18.59 25.42
CA ALA A 146 -1.82 -19.66 25.31
C ALA A 146 -1.29 -20.79 24.42
N GLY A 147 -0.01 -20.70 24.08
CA GLY A 147 0.61 -21.73 23.27
C GLY A 147 0.15 -21.72 21.82
N THR A 148 0.49 -20.64 21.12
CA THR A 148 0.11 -20.52 19.73
C THR A 148 0.90 -19.42 19.07
N GLU A 149 1.06 -19.53 17.75
CA GLU A 149 1.78 -18.54 16.98
C GLU A 149 1.37 -17.13 17.41
N ARG A 150 2.35 -16.30 17.72
CA ARG A 150 2.03 -14.94 18.12
C ARG A 150 1.55 -14.20 16.89
N LEU A 151 0.55 -13.36 17.07
CA LEU A 151 0.00 -12.58 15.96
C LEU A 151 1.02 -11.54 15.51
N LEU A 152 0.96 -11.15 14.24
CA LEU A 152 1.87 -10.13 13.73
C LEU A 152 1.20 -8.77 13.81
N LEU A 153 1.99 -7.74 14.08
CA LEU A 153 1.49 -6.38 14.16
C LEU A 153 2.32 -5.51 13.26
N SER A 154 1.71 -4.99 12.21
CA SER A 154 2.43 -4.14 11.27
C SER A 154 1.67 -2.85 11.11
N ALA A 155 2.30 -1.90 10.43
CA ALA A 155 1.67 -0.61 10.20
C ALA A 155 2.00 -0.03 8.83
N ALA A 156 1.01 0.62 8.23
CA ALA A 156 1.21 1.29 6.95
C ALA A 156 1.51 2.75 7.32
N VAL A 157 2.71 3.19 7.01
CA VAL A 157 3.14 4.53 7.37
C VAL A 157 3.35 5.48 6.19
N SER A 158 3.13 6.77 6.44
CA SER A 158 3.30 7.81 5.42
C SER A 158 4.78 7.91 5.04
N ALA A 159 5.06 8.39 3.82
CA ALA A 159 6.44 8.49 3.37
C ALA A 159 6.86 9.93 3.09
N GLY A 160 6.09 10.88 3.60
CA GLY A 160 6.39 12.28 3.40
C GLY A 160 7.00 12.88 4.66
N LYS A 161 8.20 13.45 4.47
CA LYS A 161 8.99 14.09 5.52
C LYS A 161 8.14 14.75 6.56
N ILE A 162 7.39 15.76 6.15
CA ILE A 162 6.55 16.48 7.08
C ILE A 162 5.57 15.58 7.83
N ALA A 163 4.83 14.78 7.07
CA ALA A 163 3.85 13.85 7.63
C ALA A 163 4.49 12.99 8.70
N ILE A 164 5.67 12.46 8.38
CA ILE A 164 6.38 11.59 9.30
C ILE A 164 6.76 12.34 10.58
N ASP A 165 7.37 13.53 10.42
CA ASP A 165 7.78 14.33 11.56
C ASP A 165 6.60 14.69 12.44
N ARG A 166 5.51 15.09 11.78
CA ARG A 166 4.31 15.51 12.48
C ARG A 166 3.66 14.47 13.36
N GLY A 167 3.43 13.27 12.84
CA GLY A 167 2.74 12.28 13.65
C GLY A 167 3.31 10.93 14.04
N TYR A 168 4.57 10.67 13.73
CA TYR A 168 5.14 9.36 14.06
C TYR A 168 6.38 9.36 14.94
N ASP A 169 6.34 8.53 15.98
CA ASP A 169 7.47 8.37 16.89
C ASP A 169 8.19 7.12 16.36
N ILE A 170 8.65 7.19 15.11
CA ILE A 170 9.32 6.07 14.46
C ILE A 170 10.22 5.21 15.35
N ALA A 171 11.27 5.80 15.90
CA ALA A 171 12.17 5.04 16.77
C ALA A 171 11.39 4.18 17.78
N GLN A 172 10.35 4.76 18.36
CA GLN A 172 9.52 4.07 19.34
C GLN A 172 8.69 2.93 18.77
N ILE A 173 7.79 3.24 17.84
CA ILE A 173 6.94 2.21 17.26
C ILE A 173 7.70 1.15 16.49
N SER A 174 8.93 1.46 16.08
CA SER A 174 9.75 0.52 15.33
C SER A 174 10.08 -0.73 16.09
N ARG A 175 10.37 -0.59 17.38
CA ARG A 175 10.72 -1.74 18.19
C ARG A 175 9.55 -2.63 18.56
N HIS A 176 8.33 -2.17 18.30
CA HIS A 176 7.14 -2.96 18.61
C HIS A 176 6.46 -3.57 17.40
N LEU A 177 6.65 -2.99 16.23
CA LEU A 177 6.05 -3.50 15.01
C LEU A 177 6.91 -4.62 14.43
N ASP A 178 6.29 -5.50 13.63
CA ASP A 178 7.02 -6.60 13.01
C ASP A 178 7.63 -6.10 11.70
N PHE A 179 6.91 -5.19 11.05
CA PHE A 179 7.41 -4.57 9.83
C PHE A 179 6.61 -3.31 9.52
N ILE A 180 7.23 -2.39 8.79
CA ILE A 180 6.61 -1.13 8.45
C ILE A 180 6.58 -0.99 6.93
N SER A 181 5.42 -0.61 6.41
CA SER A 181 5.27 -0.42 4.98
C SER A 181 5.23 1.05 4.66
N LEU A 182 6.18 1.50 3.85
CA LEU A 182 6.24 2.91 3.47
C LEU A 182 5.36 3.21 2.27
N LEU A 183 4.39 4.09 2.46
CA LEU A 183 3.48 4.47 1.39
C LEU A 183 4.26 5.31 0.36
N THR A 184 5.33 4.73 -0.16
CA THR A 184 6.19 5.38 -1.12
C THR A 184 5.61 5.54 -2.52
N TYR A 185 4.41 6.10 -2.62
CA TYR A 185 3.80 6.29 -3.92
C TYR A 185 2.68 7.33 -3.92
N ASP A 186 2.70 8.20 -2.93
CA ASP A 186 1.71 9.28 -2.85
C ASP A 186 2.49 10.58 -2.79
N PHE A 187 3.52 10.68 -3.61
CA PHE A 187 4.38 11.85 -3.62
C PHE A 187 3.94 13.09 -4.38
N HIS A 188 3.32 12.92 -5.55
CA HIS A 188 2.92 14.12 -6.26
C HIS A 188 1.66 14.77 -5.73
N GLY A 189 1.77 16.08 -5.55
CA GLY A 189 0.70 16.92 -5.03
C GLY A 189 -0.74 16.58 -5.36
N ALA A 190 -1.40 15.98 -4.37
CA ALA A 190 -2.79 15.62 -4.53
C ALA A 190 -3.50 16.98 -4.59
N TRP A 191 -2.78 18.01 -4.17
CA TRP A 191 -3.30 19.37 -4.13
C TRP A 191 -3.20 20.23 -5.38
N ARG A 192 -2.03 20.35 -5.99
CA ARG A 192 -1.98 21.28 -7.12
C ARG A 192 -1.67 20.97 -8.58
N GLN A 193 -2.23 21.88 -9.37
CA GLN A 193 -2.26 21.99 -10.82
C GLN A 193 -1.16 21.61 -11.79
N THR A 194 -0.10 20.92 -11.40
CA THR A 194 0.85 20.59 -12.45
C THR A 194 1.10 19.10 -12.55
N VAL A 195 1.38 18.66 -13.77
CA VAL A 195 1.67 17.27 -14.04
C VAL A 195 2.85 16.85 -13.18
N GLY A 196 2.78 15.65 -12.61
CA GLY A 196 3.86 15.16 -11.76
C GLY A 196 3.71 13.68 -11.45
N HIS A 197 4.83 12.98 -11.31
CA HIS A 197 4.77 11.56 -11.03
C HIS A 197 4.68 11.25 -9.54
N HIS A 198 3.63 10.53 -9.18
CA HIS A 198 3.34 10.17 -7.79
C HIS A 198 4.33 9.25 -7.07
N SER A 199 5.14 8.49 -7.81
CA SER A 199 6.09 7.59 -7.15
C SER A 199 7.50 7.59 -7.75
N PRO A 200 8.18 8.75 -7.74
CA PRO A 200 9.54 8.84 -8.29
C PRO A 200 10.47 8.03 -7.41
N LEU A 201 11.48 7.39 -8.00
CA LEU A 201 12.43 6.63 -7.18
C LEU A 201 13.50 7.55 -6.64
N PHE A 202 14.07 8.36 -7.53
CA PHE A 202 15.12 9.30 -7.15
C PHE A 202 14.64 10.74 -7.12
N ARG A 203 15.58 11.68 -7.00
CA ARG A 203 15.24 13.10 -6.88
C ARG A 203 14.81 13.94 -8.06
N GLY A 204 15.24 13.59 -9.28
CA GLY A 204 14.85 14.40 -10.42
C GLY A 204 15.62 15.71 -10.31
N ASN A 205 16.86 15.68 -10.76
CA ASN A 205 17.74 16.84 -10.66
C ASN A 205 17.24 18.14 -11.29
N SER A 206 16.12 18.11 -12.01
CA SER A 206 15.61 19.34 -12.57
C SER A 206 15.01 20.22 -11.46
N ASP A 207 14.03 19.73 -10.69
CA ASP A 207 13.48 20.56 -9.60
C ASP A 207 14.14 20.30 -8.22
N GLY A 208 14.24 21.41 -7.44
CA GLY A 208 14.83 21.48 -6.09
C GLY A 208 14.15 21.78 -4.77
N SER A 209 12.87 22.15 -4.75
CA SER A 209 12.24 22.26 -3.45
C SER A 209 11.65 20.83 -3.57
N SER A 210 11.05 20.24 -2.54
CA SER A 210 10.51 18.88 -2.71
C SER A 210 11.49 17.81 -3.24
N ARG A 211 12.44 17.39 -2.41
CA ARG A 211 13.35 16.30 -2.79
C ARG A 211 12.75 15.21 -1.93
N PHE A 212 12.35 15.64 -0.74
CA PHE A 212 11.73 14.76 0.25
C PHE A 212 10.60 13.98 -0.39
N SER A 213 10.25 14.37 -1.61
CA SER A 213 9.18 13.74 -2.39
C SER A 213 9.67 12.67 -3.35
N ASN A 214 10.23 11.60 -2.81
CA ASN A 214 10.70 10.48 -3.60
C ASN A 214 11.08 9.31 -2.68
N ALA A 215 11.04 8.09 -3.23
CA ALA A 215 11.34 6.90 -2.47
C ALA A 215 12.67 6.97 -1.71
N ASP A 216 13.74 7.25 -2.43
CA ASP A 216 15.08 7.33 -1.85
C ASP A 216 15.14 8.12 -0.54
N TYR A 217 14.79 9.40 -0.59
CA TYR A 217 14.83 10.23 0.60
C TYR A 217 13.97 9.64 1.72
N ALA A 218 12.77 9.20 1.37
CA ALA A 218 11.88 8.62 2.35
C ALA A 218 12.56 7.46 3.08
N VAL A 219 13.14 6.53 2.31
CA VAL A 219 13.81 5.39 2.90
C VAL A 219 15.00 5.80 3.76
N SER A 220 15.80 6.71 3.24
CA SER A 220 16.97 7.19 3.96
C SER A 220 16.51 7.85 5.26
N TYR A 221 15.49 8.69 5.15
CA TYR A 221 14.98 9.38 6.31
C TYR A 221 14.56 8.39 7.39
N MET A 222 13.71 7.44 7.02
CA MET A 222 13.24 6.43 7.97
C MET A 222 14.41 5.75 8.66
N LEU A 223 15.42 5.35 7.89
CA LEU A 223 16.57 4.69 8.50
C LEU A 223 17.23 5.65 9.47
N ARG A 224 17.34 6.91 9.07
CA ARG A 224 17.95 7.93 9.92
C ARG A 224 17.14 8.09 11.20
N LEU A 225 15.82 8.12 11.08
CA LEU A 225 14.94 8.26 12.24
C LEU A 225 15.06 7.08 13.20
N GLY A 226 15.71 6.01 12.77
CA GLY A 226 15.87 4.87 13.66
C GLY A 226 15.16 3.58 13.32
N ALA A 227 14.50 3.51 12.17
CA ALA A 227 13.80 2.29 11.77
C ALA A 227 14.82 1.29 11.19
N PRO A 228 14.89 0.09 11.77
CA PRO A 228 15.82 -0.94 11.30
C PRO A 228 15.49 -1.37 9.89
N ALA A 229 16.49 -1.42 9.02
CA ALA A 229 16.27 -1.80 7.64
C ALA A 229 15.51 -3.13 7.52
N ASN A 230 15.82 -4.06 8.42
CA ASN A 230 15.20 -5.39 8.41
C ASN A 230 13.73 -5.32 8.80
N LYS A 231 13.20 -4.11 8.91
CA LYS A 231 11.79 -3.95 9.25
C LYS A 231 11.07 -3.02 8.29
N LEU A 232 11.82 -2.37 7.41
CA LEU A 232 11.19 -1.49 6.44
C LEU A 232 10.79 -2.22 5.17
N VAL A 233 9.61 -1.89 4.66
CA VAL A 233 9.12 -2.49 3.43
C VAL A 233 8.71 -1.31 2.56
N MET A 234 9.33 -1.19 1.40
CA MET A 234 9.02 -0.09 0.52
C MET A 234 7.79 -0.39 -0.31
N GLY A 235 6.83 0.52 -0.31
CA GLY A 235 5.62 0.29 -1.06
C GLY A 235 5.77 0.55 -2.54
N ILE A 236 5.20 -0.32 -3.36
CA ILE A 236 5.26 -0.13 -4.80
C ILE A 236 3.85 -0.11 -5.34
N PRO A 237 3.48 0.96 -6.07
CA PRO A 237 2.16 1.12 -6.65
C PRO A 237 1.95 0.21 -7.84
N THR A 238 0.76 -0.38 -7.92
CA THR A 238 0.45 -1.26 -9.02
C THR A 238 -0.59 -0.54 -9.89
N PHE A 239 -0.81 0.73 -9.56
CA PHE A 239 -1.74 1.58 -10.26
C PHE A 239 -1.02 2.84 -10.74
N GLY A 240 -1.71 3.61 -11.56
CA GLY A 240 -1.14 4.84 -12.07
C GLY A 240 -2.08 5.96 -11.68
N ARG A 241 -1.63 7.20 -11.82
CA ARG A 241 -2.49 8.31 -11.49
C ARG A 241 -2.75 9.09 -12.76
N SER A 242 -4.01 9.47 -12.99
CA SER A 242 -4.38 10.20 -14.20
C SER A 242 -4.67 11.69 -14.00
N PHE A 243 -4.42 12.46 -15.06
CA PHE A 243 -4.64 13.91 -15.08
C PHE A 243 -5.21 14.36 -16.42
N THR A 244 -6.12 15.32 -16.37
CA THR A 244 -6.68 15.86 -17.61
C THR A 244 -5.89 17.14 -17.89
N LEU A 245 -5.05 17.09 -18.91
CA LEU A 245 -4.22 18.23 -19.29
C LEU A 245 -5.08 19.46 -19.58
N ALA A 246 -4.54 20.63 -19.25
CA ALA A 246 -5.25 21.88 -19.49
C ALA A 246 -4.61 22.62 -20.67
N SER A 247 -3.56 22.04 -21.24
CA SER A 247 -2.87 22.66 -22.37
C SER A 247 -2.11 21.62 -23.18
N SER A 248 -1.91 21.92 -24.45
CA SER A 248 -1.18 21.02 -25.34
C SER A 248 0.21 20.71 -24.78
N LYS A 249 0.57 21.38 -23.69
CA LYS A 249 1.87 21.17 -23.06
C LYS A 249 1.84 19.83 -22.33
N THR A 250 2.80 18.97 -22.64
CA THR A 250 2.89 17.64 -22.05
C THR A 250 4.13 17.38 -21.21
N ASP A 251 5.24 18.03 -21.56
CA ASP A 251 6.50 17.86 -20.84
C ASP A 251 6.36 18.20 -19.36
N GLY A 252 7.37 17.82 -18.58
CA GLY A 252 7.35 18.07 -17.16
C GLY A 252 6.93 19.48 -16.79
N GLY A 253 6.01 19.61 -15.84
CA GLY A 253 5.57 20.92 -15.42
C GLY A 253 4.26 21.39 -16.00
N ALA A 254 3.79 20.74 -17.07
CA ALA A 254 2.53 21.09 -17.76
C ALA A 254 1.31 21.38 -16.86
N PRO A 255 0.40 22.27 -17.30
CA PRO A 255 -0.82 22.68 -16.61
C PRO A 255 -1.86 21.58 -16.48
N ILE A 256 -2.63 21.63 -15.40
CA ILE A 256 -3.64 20.62 -15.12
C ILE A 256 -5.00 21.22 -14.83
N SER A 257 -6.01 20.79 -15.59
CA SER A 257 -7.35 21.29 -15.39
C SER A 257 -8.07 20.42 -14.36
N GLY A 258 -7.46 19.30 -14.01
CA GLY A 258 -8.05 18.40 -13.03
C GLY A 258 -7.65 16.95 -13.24
N PRO A 259 -8.14 16.02 -12.40
CA PRO A 259 -7.83 14.59 -12.49
C PRO A 259 -8.28 14.00 -13.82
N GLY A 260 -7.74 12.83 -14.17
CA GLY A 260 -8.10 12.19 -15.41
C GLY A 260 -9.46 11.51 -15.35
N ILE A 261 -9.96 11.10 -16.51
CA ILE A 261 -11.25 10.43 -16.57
C ILE A 261 -11.12 9.03 -15.97
N PRO A 262 -12.22 8.48 -15.46
CA PRO A 262 -12.25 7.15 -14.85
C PRO A 262 -11.94 6.03 -15.83
N GLY A 263 -11.65 4.86 -15.30
CA GLY A 263 -11.37 3.70 -16.13
C GLY A 263 -12.67 2.94 -16.30
N ARG A 264 -12.78 2.11 -17.33
CA ARG A 264 -14.00 1.38 -17.55
C ARG A 264 -14.38 0.52 -16.34
N PHE A 265 -13.39 -0.09 -15.71
CA PHE A 265 -13.66 -0.96 -14.56
C PHE A 265 -13.38 -0.34 -13.21
N THR A 266 -12.43 0.59 -13.18
CA THR A 266 -12.07 1.24 -11.94
C THR A 266 -13.06 2.30 -11.52
N LYS A 267 -13.64 3.00 -12.49
CA LYS A 267 -14.61 4.04 -12.23
C LYS A 267 -14.25 4.98 -11.09
N GLU A 268 -13.10 5.64 -11.20
CA GLU A 268 -12.66 6.59 -10.18
C GLU A 268 -11.74 7.62 -10.83
N LYS A 269 -12.10 8.90 -10.68
CA LYS A 269 -11.34 10.00 -11.24
C LYS A 269 -9.94 10.10 -10.68
N GLY A 270 -8.97 10.22 -11.58
CA GLY A 270 -7.58 10.35 -11.20
C GLY A 270 -6.81 9.05 -11.04
N ILE A 271 -7.53 7.94 -10.94
CA ILE A 271 -6.91 6.63 -10.79
C ILE A 271 -7.17 5.67 -11.93
N LEU A 272 -6.20 4.79 -12.18
CA LEU A 272 -6.29 3.77 -13.22
C LEU A 272 -5.55 2.51 -12.80
N ALA A 273 -6.21 1.37 -12.91
CA ALA A 273 -5.59 0.10 -12.57
C ALA A 273 -4.56 -0.19 -13.64
N TYR A 274 -3.53 -0.96 -13.30
CA TYR A 274 -2.51 -1.27 -14.29
C TYR A 274 -3.07 -1.94 -15.54
N TYR A 275 -4.02 -2.86 -15.38
CA TYR A 275 -4.58 -3.52 -16.54
C TYR A 275 -5.36 -2.54 -17.40
N GLU A 276 -5.90 -1.49 -16.77
CA GLU A 276 -6.63 -0.46 -17.51
C GLU A 276 -5.60 0.33 -18.27
N ILE A 277 -4.45 0.56 -17.63
CA ILE A 277 -3.35 1.30 -18.25
C ILE A 277 -2.75 0.56 -19.43
N CYS A 278 -2.72 -0.76 -19.36
CA CYS A 278 -2.17 -1.54 -20.47
C CYS A 278 -2.99 -1.27 -21.73
N ASP A 279 -4.30 -1.13 -21.57
CA ASP A 279 -5.16 -0.86 -22.71
C ASP A 279 -4.99 0.60 -23.14
N PHE A 280 -4.78 1.48 -22.17
CA PHE A 280 -4.58 2.90 -22.44
C PHE A 280 -3.38 3.15 -23.34
N LEU A 281 -2.26 2.49 -23.04
CA LEU A 281 -1.03 2.67 -23.81
C LEU A 281 -1.22 2.58 -25.32
N HIS A 282 -2.19 1.78 -25.76
CA HIS A 282 -2.46 1.65 -27.19
C HIS A 282 -2.87 2.99 -27.79
N GLY A 283 -1.99 3.54 -28.63
CA GLY A 283 -2.27 4.83 -29.24
C GLY A 283 -1.80 5.94 -28.34
N ALA A 284 -1.05 5.59 -27.31
CA ALA A 284 -0.55 6.55 -26.35
C ALA A 284 0.94 6.76 -26.60
N THR A 285 1.49 7.84 -26.05
CA THR A 285 2.91 8.14 -26.20
C THR A 285 3.63 7.86 -24.90
N THR A 286 4.55 6.91 -24.94
CA THR A 286 5.29 6.57 -23.73
C THR A 286 6.47 7.51 -23.53
N HIS A 287 6.71 7.87 -22.27
CA HIS A 287 7.81 8.75 -21.88
C HIS A 287 8.33 8.24 -20.55
N ARG A 288 9.57 8.56 -20.22
CA ARG A 288 10.14 8.10 -18.96
C ARG A 288 11.18 9.06 -18.40
N PHE A 289 11.03 9.41 -17.13
CA PHE A 289 11.99 10.30 -16.48
C PHE A 289 13.22 9.46 -16.13
N ARG A 290 14.38 9.82 -16.68
CA ARG A 290 15.60 9.06 -16.40
C ARG A 290 16.04 9.36 -14.98
N ASP A 291 15.93 10.63 -14.59
CA ASP A 291 16.30 11.03 -13.26
C ASP A 291 15.60 10.22 -12.18
N GLN A 292 14.27 10.20 -12.22
CA GLN A 292 13.50 9.44 -11.24
C GLN A 292 13.29 7.98 -11.63
N GLN A 293 13.52 7.68 -12.90
CA GLN A 293 13.38 6.32 -13.41
C GLN A 293 11.97 5.75 -13.38
N VAL A 294 11.00 6.57 -13.74
CA VAL A 294 9.60 6.13 -13.78
C VAL A 294 9.00 6.65 -15.08
N PRO A 295 8.02 5.93 -15.64
CA PRO A 295 7.40 6.36 -16.89
C PRO A 295 6.04 7.04 -16.79
N TYR A 296 5.67 7.76 -17.85
CA TYR A 296 4.36 8.40 -17.92
C TYR A 296 3.84 8.32 -19.35
N ALA A 297 2.52 8.33 -19.52
CA ALA A 297 1.96 8.25 -20.85
C ALA A 297 0.95 9.36 -21.10
N THR A 298 0.81 9.71 -22.37
CA THR A 298 -0.13 10.75 -22.78
C THR A 298 -0.87 10.32 -24.03
N LYS A 299 -2.16 10.60 -24.04
CA LYS A 299 -3.05 10.29 -25.16
C LYS A 299 -4.11 11.38 -25.07
N GLY A 300 -4.29 12.14 -26.16
CA GLY A 300 -5.27 13.22 -26.13
C GLY A 300 -4.93 14.21 -25.03
N ASN A 301 -5.87 14.49 -24.14
CA ASN A 301 -5.63 15.42 -23.05
C ASN A 301 -5.48 14.65 -21.74
N GLN A 302 -5.14 13.37 -21.85
CA GLN A 302 -4.97 12.52 -20.69
C GLN A 302 -3.48 12.26 -20.45
N TRP A 303 -3.05 12.53 -19.22
CA TRP A 303 -1.66 12.35 -18.83
C TRP A 303 -1.65 11.33 -17.70
N VAL A 304 -0.89 10.25 -17.86
CA VAL A 304 -0.85 9.20 -16.85
C VAL A 304 0.54 8.89 -16.31
N ALA A 305 0.70 9.03 -14.99
CA ALA A 305 1.95 8.73 -14.31
C ALA A 305 1.77 7.34 -13.73
N TYR A 306 2.63 6.40 -14.11
CA TYR A 306 2.48 5.04 -13.61
C TYR A 306 3.79 4.27 -13.54
N ASP A 307 3.69 3.01 -13.14
CA ASP A 307 4.84 2.13 -13.03
C ASP A 307 4.66 0.92 -13.94
N ASP A 308 5.72 0.54 -14.62
CA ASP A 308 5.67 -0.62 -15.49
C ASP A 308 6.65 -1.66 -14.94
N GLN A 309 6.86 -2.74 -15.68
CA GLN A 309 7.74 -3.79 -15.20
C GLN A 309 9.14 -3.35 -14.83
N GLU A 310 9.84 -2.68 -15.74
CA GLU A 310 11.20 -2.27 -15.40
C GLU A 310 11.20 -1.26 -14.26
N SER A 311 10.29 -0.30 -14.34
CA SER A 311 10.17 0.70 -13.30
C SER A 311 10.16 0.01 -11.94
N VAL A 312 9.29 -0.98 -11.80
CA VAL A 312 9.14 -1.72 -10.54
C VAL A 312 10.33 -2.60 -10.21
N LYS A 313 10.99 -3.15 -11.23
CA LYS A 313 12.15 -3.99 -11.00
C LYS A 313 13.23 -3.09 -10.46
N ASN A 314 13.28 -1.90 -11.03
CA ASN A 314 14.25 -0.91 -10.64
C ASN A 314 14.10 -0.61 -9.14
N LYS A 315 12.87 -0.36 -8.71
CA LYS A 315 12.62 -0.09 -7.31
C LYS A 315 12.98 -1.32 -6.45
N ALA A 316 12.74 -2.51 -7.00
CA ALA A 316 13.05 -3.73 -6.26
C ALA A 316 14.55 -3.85 -6.04
N ARG A 317 15.33 -3.49 -7.06
CA ARG A 317 16.78 -3.57 -6.89
C ARG A 317 17.22 -2.56 -5.84
N TYR A 318 16.60 -1.39 -5.83
CA TYR A 318 16.92 -0.37 -4.85
C TYR A 318 16.77 -0.94 -3.45
N LEU A 319 15.54 -1.32 -3.16
CA LEU A 319 15.15 -1.91 -1.89
C LEU A 319 16.16 -2.96 -1.42
N LYS A 320 16.61 -3.78 -2.37
CA LYS A 320 17.58 -4.84 -2.10
C LYS A 320 18.93 -4.30 -1.71
N ASN A 321 19.41 -3.30 -2.47
CA ASN A 321 20.72 -2.70 -2.21
C ASN A 321 20.85 -2.00 -0.87
N ARG A 322 19.72 -1.54 -0.34
CA ARG A 322 19.75 -0.90 0.96
C ARG A 322 19.46 -1.93 2.03
N GLN A 323 19.32 -3.19 1.60
CA GLN A 323 19.06 -4.30 2.49
C GLN A 323 17.81 -4.13 3.34
N LEU A 324 16.71 -3.78 2.67
CA LEU A 324 15.45 -3.61 3.37
C LEU A 324 14.80 -4.98 3.60
N ALA A 325 13.69 -5.00 4.32
CA ALA A 325 12.99 -6.24 4.61
C ALA A 325 12.32 -6.82 3.38
N GLY A 326 11.85 -5.95 2.48
CA GLY A 326 11.21 -6.42 1.26
C GLY A 326 10.32 -5.35 0.66
N ALA A 327 9.43 -5.76 -0.22
CA ALA A 327 8.52 -4.83 -0.87
C ALA A 327 7.05 -5.04 -0.49
N MET A 328 6.23 -4.01 -0.72
CA MET A 328 4.80 -4.06 -0.46
C MET A 328 4.11 -3.56 -1.70
N VAL A 329 3.20 -4.36 -2.21
CA VAL A 329 2.48 -3.96 -3.42
C VAL A 329 1.12 -3.39 -3.04
N TRP A 330 0.75 -2.36 -3.83
CA TRP A 330 -0.59 -1.83 -3.69
C TRP A 330 -1.35 -2.79 -4.53
N ALA A 331 -2.56 -2.62 -4.60
CA ALA A 331 -3.26 -3.87 -4.87
C ALA A 331 -3.01 -4.81 -6.01
N LEU A 332 -3.09 -6.06 -5.52
CA LEU A 332 -3.03 -7.27 -6.26
C LEU A 332 -4.19 -7.18 -7.18
N ASP A 333 -5.26 -6.51 -6.75
CA ASP A 333 -6.43 -6.37 -7.61
C ASP A 333 -6.30 -5.26 -8.65
N LEU A 334 -5.21 -4.51 -8.60
CA LEU A 334 -4.98 -3.43 -9.56
C LEU A 334 -3.93 -3.87 -10.59
N ASP A 335 -3.29 -5.00 -10.30
CA ASP A 335 -2.29 -5.58 -11.18
C ASP A 335 -3.15 -6.36 -12.18
N ASP A 336 -2.52 -6.96 -13.19
CA ASP A 336 -3.30 -7.74 -14.15
C ASP A 336 -3.47 -9.16 -13.57
N PHE A 337 -4.39 -9.29 -12.64
CA PHE A 337 -4.63 -10.57 -12.00
C PHE A 337 -5.19 -11.60 -12.95
N ARG A 338 -5.81 -11.15 -14.03
CA ARG A 338 -6.33 -12.08 -15.02
C ARG A 338 -5.26 -12.41 -16.05
N GLY A 339 -4.35 -11.46 -16.27
CA GLY A 339 -3.26 -11.66 -17.22
C GLY A 339 -3.73 -11.57 -18.65
N THR A 340 -4.94 -11.06 -18.84
CA THR A 340 -5.51 -10.95 -20.17
C THR A 340 -5.58 -9.53 -20.73
N PHE A 341 -4.95 -8.56 -20.08
CA PHE A 341 -4.98 -7.18 -20.57
C PHE A 341 -3.63 -6.62 -21.02
N CYS A 342 -2.54 -7.20 -20.53
CA CYS A 342 -1.22 -6.67 -20.85
C CYS A 342 -0.41 -7.60 -21.72
N GLY A 343 -0.55 -7.85 -22.87
CA GLY A 343 -0.05 -8.97 -23.62
C GLY A 343 -0.11 -10.24 -22.81
N GLN A 344 1.41 -10.24 -23.06
CA GLN A 344 2.12 -11.40 -22.50
C GLN A 344 1.22 -12.09 -21.53
N ASN A 345 0.87 -13.32 -21.87
CA ASN A 345 -0.04 -14.13 -21.07
C ASN A 345 0.30 -14.29 -19.60
N LEU A 346 1.30 -13.57 -19.12
CA LEU A 346 1.68 -13.67 -17.70
C LEU A 346 0.59 -13.06 -16.82
N THR A 347 0.37 -13.69 -15.67
CA THR A 347 -0.63 -13.25 -14.72
C THR A 347 0.10 -12.50 -13.58
N PHE A 348 -0.44 -11.35 -13.15
CA PHE A 348 0.21 -10.56 -12.10
C PHE A 348 1.58 -10.07 -12.58
N PRO A 349 1.62 -9.44 -13.76
CA PRO A 349 2.86 -8.92 -14.36
C PRO A 349 3.77 -8.19 -13.39
N LEU A 350 3.26 -7.07 -12.89
CA LEU A 350 3.99 -6.21 -11.96
C LEU A 350 4.46 -6.92 -10.70
N THR A 351 3.54 -7.46 -9.92
CA THR A 351 3.94 -8.13 -8.69
C THR A 351 4.96 -9.23 -8.98
N SER A 352 4.85 -9.88 -10.13
CA SER A 352 5.80 -10.92 -10.49
C SER A 352 7.20 -10.34 -10.68
N ALA A 353 7.28 -9.22 -11.38
CA ALA A 353 8.55 -8.58 -11.63
C ALA A 353 9.26 -8.35 -10.31
N VAL A 354 8.54 -7.82 -9.33
CA VAL A 354 9.13 -7.58 -8.03
C VAL A 354 9.67 -8.90 -7.51
N LYS A 355 8.82 -9.93 -7.54
CA LYS A 355 9.23 -11.23 -7.05
C LYS A 355 10.50 -11.72 -7.74
N ASP A 356 10.56 -11.58 -9.05
CA ASP A 356 11.74 -12.02 -9.78
C ASP A 356 13.00 -11.37 -9.22
N VAL A 357 12.98 -10.05 -9.07
CA VAL A 357 14.12 -9.33 -8.54
C VAL A 357 14.41 -9.75 -7.11
N LEU A 358 13.36 -9.87 -6.31
CA LEU A 358 13.48 -10.26 -4.92
C LEU A 358 13.98 -11.69 -4.75
N ALA A 359 13.81 -12.50 -5.78
CA ALA A 359 14.21 -13.90 -5.71
C ALA A 359 15.48 -14.29 -6.43
N GLU A 360 15.89 -13.54 -7.46
CA GLU A 360 17.10 -13.91 -8.19
C GLU A 360 18.33 -13.79 -7.29
N VAL A 361 18.10 -13.31 -6.08
CA VAL A 361 19.11 -13.16 -5.04
C VAL A 361 18.49 -12.60 -3.76
C1 NAG B . -18.24 1.91 10.55
C2 NAG B . -19.23 0.94 9.94
C3 NAG B . -20.48 1.69 10.03
C4 NAG B . -20.73 2.36 11.34
C5 NAG B . -19.51 2.90 12.12
C6 NAG B . -19.54 3.33 13.58
C7 NAG B . -19.52 -0.02 7.75
C8 NAG B . -19.04 -0.05 6.31
N2 NAG B . -18.86 0.81 8.55
O3 NAG B . -21.62 0.97 9.63
O4 NAG B . -21.36 3.47 10.81
O5 NAG B . -18.48 2.00 11.95
O6 NAG B . -20.71 2.92 14.24
O7 NAG B . -20.44 -0.75 8.11
C1 NDG B . -22.54 3.65 11.95
C2 NDG B . -24.02 3.74 12.01
C3 NDG B . -24.52 4.82 12.88
C4 NDG B . -23.42 5.61 13.60
C5 NDG B . -22.36 5.97 12.61
C6 NDG B . -21.32 6.96 13.13
C7 NDG B . -25.69 3.01 10.43
C8 NDG B . -26.28 3.12 9.03
O5 NDG B . -21.69 4.80 12.27
O3 NDG B . -25.34 4.22 13.86
O4 NDG B . -23.95 6.78 14.18
O6 NDG B . -20.99 6.70 14.48
O7 NDG B . -26.18 2.22 11.25
N2 NDG B . -24.63 3.77 10.68
#